data_7RR0
#
_entry.id   7RR0
#
_cell.length_a   1.00
_cell.length_b   1.00
_cell.length_c   1.00
_cell.angle_alpha   90.00
_cell.angle_beta   90.00
_cell.angle_gamma   90.00
#
_symmetry.space_group_name_H-M   'P 1'
#
loop_
_entity.id
_entity.type
_entity.pdbx_description
1 polymer 'Spike protein S1'
2 polymer 'PDI 222 Fab Heavy Chain'
3 polymer 'PDI 222 Fab Light Chain'
4 non-polymer 2-acetamido-2-deoxy-beta-D-glucopyranose
#
loop_
_entity_poly.entity_id
_entity_poly.type
_entity_poly.pdbx_seq_one_letter_code
_entity_poly.pdbx_strand_id
1 'polypeptide(L)'
;NLCPFGEVFNATRFASVYAWNRKRISNCVADYSVLYNSASFSTFKCYGVSPTKLNDLCFTNVYADSFVIRGDEVRQIAPG
QTGKIADYNYKLPDDFTGCVIAWNSNNLDSKVGGNYNYLYRLFRKSNLKPFERDISTEIYQAGSTPCNGVEGFNCYFPLQ
SYGFQPTNGVGYQPYRVVVLSFELLHAPATVCGP
;
A
2 'polypeptide(L)'
;QVQLVQSGPEVKKPGTSVKVSCKASGFTFSSSAVQWVRQARGQRLEWIGWIVVGSGNANYAPRFQERVTITRDMSTNTAY
MELSSLRSEDTAVYYCAAPNCSRTLCYDGFNMWGQGTMVTV
;
B
3 'polypeptide(L)'
;EIVLTQSPGSLSLSPGERATLSCRASQSVRSSYLGWYQQKPGQAPRLLIYGASSRATGIPDRFSGSGSETDFTLTISRLE
PEDFAVYYCQQYDSSPWTFGQGTKVEI
;
C
#
loop_
_chem_comp.id
_chem_comp.type
_chem_comp.name
_chem_comp.formula
NAG D-saccharide, beta linking 2-acetamido-2-deoxy-beta-D-glucopyranose 'C8 H15 N O6'
#
# COMPACT_ATOMS: atom_id res chain seq x y z
N ASN A 1 -2.02 -46.71 11.92
CA ASN A 1 -0.88 -47.27 11.19
C ASN A 1 -0.24 -46.22 10.30
N LEU A 2 -0.76 -46.06 9.08
CA LEU A 2 -0.20 -45.13 8.13
C LEU A 2 -0.49 -43.69 8.53
N CYS A 3 0.47 -42.81 8.30
CA CYS A 3 0.31 -41.40 8.62
C CYS A 3 -0.72 -40.75 7.68
N PRO A 4 -1.49 -39.77 8.18
CA PRO A 4 -2.55 -39.15 7.35
C PRO A 4 -2.01 -38.06 6.43
N PHE A 5 -1.03 -38.41 5.60
CA PHE A 5 -0.53 -37.48 4.59
C PHE A 5 -1.58 -37.15 3.55
N GLY A 6 -2.42 -38.14 3.22
CA GLY A 6 -3.44 -37.97 2.18
C GLY A 6 -4.44 -36.88 2.48
N GLU A 7 -4.84 -36.77 3.76
CA GLU A 7 -5.78 -35.73 4.19
C GLU A 7 -5.19 -34.34 3.98
N VAL A 8 -3.92 -34.16 4.34
CA VAL A 8 -3.26 -32.85 4.26
C VAL A 8 -3.13 -32.41 2.80
N PHE A 9 -2.82 -33.34 1.90
CA PHE A 9 -2.51 -33.01 0.51
C PHE A 9 -3.71 -33.12 -0.43
N ASN A 10 -4.86 -33.59 0.04
CA ASN A 10 -6.06 -33.62 -0.79
C ASN A 10 -7.21 -32.80 -0.22
N ALA A 11 -6.93 -31.92 0.76
CA ALA A 11 -7.98 -31.13 1.41
C ALA A 11 -8.70 -30.24 0.40
N THR A 12 -10.03 -30.17 0.56
CA THR A 12 -10.89 -29.47 -0.41
C THR A 12 -10.58 -27.98 -0.48
N ARG A 13 -10.47 -27.33 0.68
CA ARG A 13 -10.11 -25.91 0.72
C ARG A 13 -8.94 -25.72 1.67
N PHE A 14 -7.86 -25.13 1.16
CA PHE A 14 -6.67 -24.78 1.95
C PHE A 14 -6.86 -23.41 2.61
N ALA A 15 -5.98 -23.10 3.56
CA ALA A 15 -6.07 -21.85 4.29
C ALA A 15 -5.30 -20.75 3.57
N SER A 16 -5.49 -19.52 4.03
CA SER A 16 -4.72 -18.38 3.54
C SER A 16 -3.35 -18.37 4.19
N VAL A 17 -2.40 -17.71 3.51
CA VAL A 17 -1.01 -17.72 3.96
C VAL A 17 -0.84 -17.05 5.34
N TYR A 18 -1.58 -15.96 5.61
CA TYR A 18 -1.40 -15.23 6.86
C TYR A 18 -1.76 -16.07 8.08
N ALA A 19 -2.85 -16.83 8.02
CA ALA A 19 -3.20 -17.78 9.08
C ALA A 19 -3.00 -19.18 8.51
N TRP A 20 -1.87 -19.80 8.85
CA TRP A 20 -1.48 -21.08 8.27
C TRP A 20 -1.66 -22.20 9.29
N ASN A 21 -2.39 -23.25 8.89
CA ASN A 21 -2.70 -24.34 9.79
C ASN A 21 -1.43 -25.10 10.19
N ARG A 22 -1.37 -25.52 11.44
CA ARG A 22 -0.23 -26.28 11.96
C ARG A 22 -0.76 -27.61 12.49
N LYS A 23 -0.45 -28.68 11.76
CA LYS A 23 -0.80 -30.04 12.17
C LYS A 23 0.45 -30.79 12.59
N ARG A 24 0.43 -31.34 13.80
CA ARG A 24 1.53 -32.17 14.28
C ARG A 24 1.24 -33.63 13.94
N ILE A 25 2.22 -34.29 13.33
CA ILE A 25 2.08 -35.67 12.89
C ILE A 25 2.95 -36.56 13.78
N SER A 26 2.35 -37.54 14.42
CA SER A 26 3.06 -38.41 15.34
C SER A 26 2.32 -39.74 15.45
N ASN A 27 3.01 -40.73 16.02
CA ASN A 27 2.48 -42.07 16.32
C ASN A 27 1.97 -42.80 15.07
N CYS A 28 2.71 -42.67 13.97
CA CYS A 28 2.33 -43.36 12.74
C CYS A 28 3.56 -43.57 11.88
N VAL A 29 3.41 -44.44 10.88
CA VAL A 29 4.47 -44.70 9.91
C VAL A 29 4.24 -43.82 8.68
N ALA A 30 5.31 -43.14 8.23
CA ALA A 30 5.22 -42.18 7.15
C ALA A 30 5.79 -42.77 5.87
N ASP A 31 4.92 -42.94 4.88
CA ASP A 31 5.34 -43.41 3.55
C ASP A 31 5.67 -42.17 2.72
N TYR A 32 6.95 -42.01 2.39
CA TYR A 32 7.38 -40.86 1.59
C TYR A 32 7.48 -41.15 0.10
N SER A 33 7.59 -42.42 -0.31
CA SER A 33 7.84 -42.73 -1.71
C SER A 33 6.63 -42.47 -2.59
N VAL A 34 5.43 -42.46 -2.02
CA VAL A 34 4.23 -42.12 -2.79
C VAL A 34 4.23 -40.64 -3.18
N LEU A 35 4.66 -39.77 -2.27
CA LEU A 35 4.69 -38.33 -2.56
C LEU A 35 5.86 -37.97 -3.47
N TYR A 36 7.06 -38.48 -3.13
CA TYR A 36 8.29 -38.14 -3.86
C TYR A 36 8.21 -38.51 -5.33
N ASN A 37 7.70 -39.69 -5.65
CA ASN A 37 7.68 -40.16 -7.03
C ASN A 37 6.37 -39.84 -7.74
N SER A 38 5.53 -39.00 -7.15
CA SER A 38 4.27 -38.61 -7.78
C SER A 38 4.52 -37.74 -9.00
N ALA A 39 3.65 -37.88 -10.01
CA ALA A 39 3.72 -37.06 -11.20
C ALA A 39 2.75 -35.88 -11.15
N SER A 40 2.24 -35.56 -9.96
CA SER A 40 1.29 -34.47 -9.77
C SER A 40 1.87 -33.28 -9.05
N PHE A 41 3.16 -33.29 -8.72
CA PHE A 41 3.81 -32.22 -7.99
C PHE A 41 4.70 -31.43 -8.92
N SER A 42 4.72 -30.10 -8.75
CA SER A 42 5.57 -29.23 -9.54
C SER A 42 6.89 -28.90 -8.88
N THR A 43 6.92 -28.81 -7.55
CA THR A 43 8.12 -28.46 -6.80
C THR A 43 8.29 -29.46 -5.66
N PHE A 44 9.50 -30.00 -5.52
CA PHE A 44 9.82 -30.86 -4.38
C PHE A 44 11.28 -30.61 -4.01
N LYS A 45 11.50 -29.62 -3.16
CA LYS A 45 12.85 -29.19 -2.80
C LYS A 45 13.06 -29.42 -1.31
N CYS A 46 14.11 -30.16 -0.97
CA CYS A 46 14.42 -30.52 0.41
C CYS A 46 15.62 -29.72 0.88
N TYR A 47 15.56 -29.24 2.13
CA TYR A 47 16.63 -28.44 2.72
C TYR A 47 17.12 -29.13 3.99
N GLY A 48 18.43 -29.34 4.07
CA GLY A 48 19.06 -29.93 5.23
C GLY A 48 19.12 -31.43 5.23
N VAL A 49 18.33 -32.10 4.38
CA VAL A 49 18.35 -33.55 4.24
C VAL A 49 18.40 -33.89 2.76
N SER A 50 18.82 -35.11 2.49
CA SER A 50 18.84 -35.66 1.14
C SER A 50 17.45 -36.17 0.78
N PRO A 51 17.02 -36.02 -0.49
CA PRO A 51 15.65 -36.42 -0.87
C PRO A 51 15.30 -37.90 -0.71
N THR A 52 16.28 -38.80 -0.66
CA THR A 52 15.98 -40.23 -0.61
C THR A 52 16.16 -40.83 0.77
N LYS A 53 16.91 -40.18 1.66
CA LYS A 53 17.16 -40.66 3.01
C LYS A 53 15.97 -40.52 3.96
N LEU A 54 14.86 -39.87 3.54
CA LEU A 54 13.71 -39.63 4.43
C LEU A 54 13.15 -40.93 4.99
N ASN A 55 13.08 -41.98 4.16
CA ASN A 55 12.55 -43.27 4.61
C ASN A 55 13.41 -43.86 5.72
N ASP A 56 14.73 -43.77 5.58
CA ASP A 56 15.63 -44.30 6.61
C ASP A 56 15.54 -43.49 7.90
N LEU A 57 15.43 -42.17 7.80
CA LEU A 57 15.47 -41.31 8.97
C LEU A 57 14.22 -41.43 9.84
N CYS A 58 14.41 -41.21 11.14
CA CYS A 58 13.34 -41.20 12.13
C CYS A 58 13.36 -39.86 12.86
N PHE A 59 12.17 -39.26 13.02
CA PHE A 59 12.05 -37.94 13.60
C PHE A 59 11.00 -37.97 14.72
N THR A 60 11.14 -37.03 15.66
CA THR A 60 10.18 -36.93 16.75
C THR A 60 8.83 -36.40 16.28
N ASN A 61 8.82 -35.32 15.51
CA ASN A 61 7.58 -34.72 15.05
C ASN A 61 7.73 -34.24 13.61
N VAL A 62 6.62 -34.32 12.88
CA VAL A 62 6.50 -33.74 11.54
C VAL A 62 5.38 -32.72 11.57
N TYR A 63 5.67 -31.49 11.15
CA TYR A 63 4.69 -30.41 11.13
C TYR A 63 4.37 -30.07 9.68
N ALA A 64 3.08 -30.11 9.32
CA ALA A 64 2.62 -29.79 7.98
C ALA A 64 2.01 -28.39 7.95
N ASP A 65 2.73 -27.45 7.35
CA ASP A 65 2.28 -26.05 7.22
C ASP A 65 1.66 -25.88 5.84
N SER A 66 0.34 -25.66 5.80
CA SER A 66 -0.42 -25.59 4.55
C SER A 66 -0.88 -24.15 4.31
N PHE A 67 -0.42 -23.55 3.21
CA PHE A 67 -0.82 -22.20 2.87
C PHE A 67 -0.89 -22.05 1.36
N VAL A 68 -1.72 -21.11 0.90
CA VAL A 68 -1.86 -20.78 -0.52
C VAL A 68 -1.13 -19.48 -0.83
N ILE A 69 -0.21 -19.53 -1.79
CA ILE A 69 0.55 -18.39 -2.26
C ILE A 69 0.43 -18.33 -3.77
N ARG A 70 0.88 -17.21 -4.35
CA ARG A 70 0.87 -17.03 -5.79
C ARG A 70 2.13 -17.62 -6.40
N GLY A 71 2.02 -18.01 -7.69
CA GLY A 71 3.10 -18.67 -8.44
C GLY A 71 4.47 -18.05 -8.30
N ASP A 72 4.56 -16.73 -8.51
CA ASP A 72 5.84 -16.03 -8.44
C ASP A 72 6.46 -16.05 -7.03
N GLU A 73 5.66 -16.31 -6.00
CA GLU A 73 6.09 -16.27 -4.62
C GLU A 73 6.56 -17.62 -4.09
N VAL A 74 6.50 -18.68 -4.91
CA VAL A 74 6.91 -20.03 -4.49
C VAL A 74 8.38 -20.07 -4.11
N ARG A 75 9.22 -19.31 -4.82
CA ARG A 75 10.65 -19.24 -4.55
C ARG A 75 10.99 -18.59 -3.20
N GLN A 76 10.05 -17.91 -2.56
CA GLN A 76 10.28 -17.27 -1.28
C GLN A 76 10.18 -18.21 -0.09
N ILE A 77 9.61 -19.41 -0.27
CA ILE A 77 9.44 -20.35 0.85
C ILE A 77 10.72 -21.17 0.91
N ALA A 78 11.74 -20.59 1.56
CA ALA A 78 13.07 -21.16 1.68
C ALA A 78 13.79 -20.41 2.78
N PRO A 79 14.75 -21.04 3.47
CA PRO A 79 15.52 -20.29 4.47
C PRO A 79 16.41 -19.23 3.82
N GLY A 80 16.42 -18.05 4.43
CA GLY A 80 17.23 -16.95 3.95
C GLY A 80 16.63 -16.22 2.77
N GLN A 81 15.33 -15.92 2.83
CA GLN A 81 14.63 -15.23 1.77
C GLN A 81 13.88 -14.03 2.33
N THR A 82 13.60 -13.08 1.45
CA THR A 82 12.87 -11.86 1.79
C THR A 82 11.69 -11.72 0.83
N GLY A 83 10.75 -10.84 1.22
CA GLY A 83 9.58 -10.60 0.40
C GLY A 83 8.32 -10.37 1.22
N LYS A 84 7.19 -10.16 0.54
CA LYS A 84 5.93 -9.92 1.22
C LYS A 84 5.48 -11.14 2.03
N ILE A 85 5.75 -12.34 1.53
CA ILE A 85 5.36 -13.57 2.21
C ILE A 85 6.41 -14.01 3.21
N ALA A 86 7.67 -14.02 2.78
CA ALA A 86 8.79 -14.45 3.61
C ALA A 86 8.94 -13.62 4.88
N ASP A 87 8.65 -12.32 4.82
CA ASP A 87 8.84 -11.46 5.98
C ASP A 87 7.57 -11.18 6.77
N TYR A 88 6.40 -11.15 6.14
CA TYR A 88 5.18 -10.77 6.83
C TYR A 88 4.16 -11.89 6.97
N ASN A 89 4.35 -13.03 6.31
CA ASN A 89 3.34 -14.08 6.30
C ASN A 89 3.86 -15.41 6.85
N TYR A 90 5.03 -15.86 6.39
CA TYR A 90 5.53 -17.17 6.78
C TYR A 90 7.05 -17.17 6.68
N LYS A 91 7.71 -17.25 7.83
CA LYS A 91 9.16 -17.21 7.91
C LYS A 91 9.69 -18.56 8.39
N LEU A 92 10.70 -19.09 7.68
CA LEU A 92 11.40 -20.32 8.02
C LEU A 92 12.70 -20.00 8.76
N PRO A 93 13.10 -20.84 9.72
CA PRO A 93 14.40 -20.64 10.37
C PRO A 93 15.54 -20.97 9.43
N ASP A 94 16.72 -20.41 9.75
CA ASP A 94 17.91 -20.64 8.93
C ASP A 94 18.38 -22.09 8.99
N ASP A 95 18.22 -22.75 10.13
CA ASP A 95 18.59 -24.16 10.25
C ASP A 95 17.38 -25.06 10.02
N PHE A 96 16.68 -24.84 8.91
CA PHE A 96 15.46 -25.57 8.59
C PHE A 96 15.81 -26.97 8.08
N THR A 97 15.10 -27.97 8.59
CA THR A 97 15.23 -29.34 8.12
C THR A 97 13.87 -29.80 7.63
N GLY A 98 13.80 -30.25 6.39
CA GLY A 98 12.54 -30.68 5.81
C GLY A 98 12.53 -30.43 4.32
N CYS A 99 11.35 -30.61 3.73
CA CYS A 99 11.14 -30.47 2.30
C CYS A 99 9.98 -29.51 2.04
N VAL A 100 10.13 -28.67 1.02
CA VAL A 100 9.09 -27.74 0.59
C VAL A 100 8.42 -28.30 -0.64
N ILE A 101 7.12 -28.54 -0.56
CA ILE A 101 6.34 -29.19 -1.61
C ILE A 101 5.30 -28.22 -2.12
N ALA A 102 5.23 -28.07 -3.45
CA ALA A 102 4.26 -27.18 -4.08
C ALA A 102 3.78 -27.79 -5.39
N TRP A 103 2.53 -27.47 -5.74
CA TRP A 103 1.96 -27.91 -7.01
C TRP A 103 0.98 -26.85 -7.50
N ASN A 104 0.73 -26.87 -8.81
CA ASN A 104 -0.14 -25.90 -9.46
C ASN A 104 -1.60 -26.25 -9.19
N SER A 105 -2.34 -25.30 -8.61
CA SER A 105 -3.73 -25.48 -8.22
C SER A 105 -4.63 -24.50 -8.97
N ASN A 106 -4.29 -24.20 -10.22
CA ASN A 106 -5.04 -23.24 -11.02
C ASN A 106 -6.48 -23.70 -11.28
N ASN A 107 -6.67 -25.00 -11.53
CA ASN A 107 -7.99 -25.51 -11.87
C ASN A 107 -8.85 -25.77 -10.64
N LEU A 108 -8.33 -25.52 -9.44
CA LEU A 108 -9.08 -25.73 -8.21
C LEU A 108 -9.43 -24.44 -7.48
N ASP A 109 -8.51 -23.48 -7.41
CA ASP A 109 -8.72 -22.26 -6.64
C ASP A 109 -9.20 -21.08 -7.47
N SER A 110 -8.81 -20.97 -8.73
CA SER A 110 -9.18 -19.81 -9.53
C SER A 110 -10.65 -19.89 -9.94
N LYS A 111 -11.30 -18.74 -9.95
CA LYS A 111 -12.70 -18.62 -10.33
C LYS A 111 -12.83 -17.57 -11.44
N VAL A 112 -13.77 -17.81 -12.37
CA VAL A 112 -13.99 -16.87 -13.46
C VAL A 112 -14.61 -15.58 -12.92
N GLY A 113 -15.44 -15.67 -11.88
CA GLY A 113 -16.01 -14.50 -11.24
C GLY A 113 -15.08 -13.76 -10.31
N GLY A 114 -13.90 -14.32 -10.04
CA GLY A 114 -12.93 -13.70 -9.17
C GLY A 114 -12.86 -14.34 -7.80
N ASN A 115 -11.69 -14.91 -7.47
CA ASN A 115 -11.47 -15.55 -6.17
C ASN A 115 -10.79 -14.54 -5.25
N TYR A 116 -11.54 -14.06 -4.26
CA TYR A 116 -11.06 -13.05 -3.33
C TYR A 116 -10.89 -13.59 -1.93
N ASN A 117 -11.26 -14.86 -1.69
CA ASN A 117 -11.21 -15.47 -0.36
C ASN A 117 -9.78 -15.50 0.20
N TYR A 118 -8.80 -15.80 -0.65
CA TYR A 118 -7.41 -15.83 -0.20
C TYR A 118 -6.90 -14.43 0.10
N LEU A 119 -6.13 -14.31 1.17
CA LEU A 119 -5.61 -13.03 1.63
C LEU A 119 -4.16 -13.20 2.06
N TYR A 120 -3.42 -12.09 2.05
CA TYR A 120 -2.05 -12.09 2.53
C TYR A 120 -1.79 -10.77 3.25
N ARG A 121 -0.90 -10.82 4.24
CA ARG A 121 -0.58 -9.63 5.01
C ARG A 121 0.40 -8.76 4.25
N LEU A 122 0.05 -7.50 4.07
CA LEU A 122 0.86 -6.57 3.29
C LEU A 122 1.64 -5.59 4.17
N PHE A 123 1.09 -5.20 5.32
CA PHE A 123 1.71 -4.21 6.18
C PHE A 123 1.93 -4.81 7.56
N ARG A 124 3.17 -4.79 8.04
CA ARG A 124 3.50 -5.21 9.39
C ARG A 124 4.64 -4.34 9.92
N LYS A 125 4.60 -4.06 11.22
CA LYS A 125 5.59 -3.20 11.86
C LYS A 125 7.00 -3.78 11.76
N SER A 126 7.13 -5.10 11.86
CA SER A 126 8.43 -5.74 11.82
C SER A 126 8.29 -7.11 11.19
N ASN A 127 9.43 -7.69 10.79
CA ASN A 127 9.41 -9.00 10.17
C ASN A 127 9.15 -10.08 11.22
N LEU A 128 8.63 -11.21 10.74
CA LEU A 128 8.27 -12.31 11.62
C LEU A 128 9.50 -13.07 12.11
N LYS A 129 9.37 -13.64 13.30
CA LYS A 129 10.28 -14.67 13.78
C LYS A 129 9.98 -15.99 13.06
N PRO A 130 10.93 -16.93 13.07
CA PRO A 130 10.64 -18.26 12.48
C PRO A 130 9.45 -18.96 13.12
N PHE A 131 8.54 -19.43 12.26
CA PHE A 131 7.30 -20.12 12.62
C PHE A 131 6.36 -19.25 13.47
N GLU A 132 6.47 -17.94 13.36
CA GLU A 132 5.54 -17.03 14.03
C GLU A 132 4.26 -16.90 13.23
N ARG A 133 3.12 -16.95 13.92
CA ARG A 133 1.80 -16.90 13.29
C ARG A 133 1.10 -15.64 13.78
N ASP A 134 1.00 -14.63 12.92
CA ASP A 134 0.36 -13.37 13.24
C ASP A 134 -1.02 -13.31 12.58
N ILE A 135 -2.06 -13.26 13.41
CA ILE A 135 -3.44 -13.32 12.95
C ILE A 135 -4.21 -12.05 13.31
N SER A 136 -3.51 -11.02 13.77
CA SER A 136 -4.14 -9.77 14.16
C SER A 136 -4.66 -9.01 12.95
N THR A 137 -5.82 -8.36 13.13
CA THR A 137 -6.44 -7.54 12.08
C THR A 137 -6.41 -6.07 12.53
N GLU A 138 -5.48 -5.73 13.41
CA GLU A 138 -5.31 -4.36 13.88
C GLU A 138 -4.87 -3.43 12.75
N ILE A 139 -5.41 -2.21 12.79
CA ILE A 139 -5.15 -1.21 11.76
C ILE A 139 -3.68 -0.81 11.77
N TYR A 140 -3.06 -0.81 10.60
CA TYR A 140 -1.65 -0.50 10.46
C TYR A 140 -1.40 0.99 10.72
N GLN A 141 -0.40 1.28 11.55
CA GLN A 141 -0.04 2.66 11.89
C GLN A 141 1.13 3.05 11.00
N ALA A 142 0.84 3.72 9.89
CA ALA A 142 1.92 4.10 8.99
C ALA A 142 2.68 5.32 9.51
N GLY A 143 1.99 6.25 10.15
CA GLY A 143 2.57 7.47 10.63
C GLY A 143 2.77 7.48 12.13
N SER A 144 2.91 8.69 12.68
CA SER A 144 3.10 8.85 14.12
C SER A 144 1.82 9.25 14.83
N THR A 145 0.71 9.36 14.11
CA THR A 145 -0.59 9.77 14.60
C THR A 145 -1.53 8.58 14.71
N PRO A 146 -2.52 8.59 15.62
CA PRO A 146 -3.34 7.39 15.80
C PRO A 146 -4.47 7.26 14.78
N CYS A 147 -4.73 6.04 14.35
CA CYS A 147 -5.82 5.77 13.43
C CYS A 147 -7.19 5.74 14.11
N ASN A 148 -7.26 5.25 15.36
CA ASN A 148 -8.49 5.14 16.15
C ASN A 148 -9.52 4.22 15.49
N GLY A 149 -9.04 3.20 14.78
CA GLY A 149 -9.90 2.20 14.18
C GLY A 149 -10.56 2.55 12.87
N VAL A 150 -10.26 3.71 12.29
CA VAL A 150 -10.90 4.16 11.06
C VAL A 150 -9.83 4.28 9.98
N GLU A 151 -10.14 3.76 8.79
CA GLU A 151 -9.21 3.77 7.68
C GLU A 151 -9.16 5.14 7.01
N GLY A 152 -8.34 5.25 5.97
CA GLY A 152 -8.18 6.47 5.20
C GLY A 152 -6.73 6.70 4.81
N PHE A 153 -6.22 7.90 5.04
CA PHE A 153 -4.83 8.22 4.72
C PHE A 153 -3.96 7.80 5.89
N ASN A 154 -2.93 6.98 5.59
CA ASN A 154 -1.91 6.45 6.50
C ASN A 154 -2.49 5.40 7.44
N CYS A 155 -3.75 5.01 7.25
CA CYS A 155 -4.40 3.95 8.01
C CYS A 155 -5.05 3.01 7.01
N TYR A 156 -4.44 1.84 6.80
CA TYR A 156 -4.88 0.92 5.76
C TYR A 156 -5.16 -0.44 6.37
N PHE A 157 -5.94 -1.23 5.63
CA PHE A 157 -6.25 -2.59 6.03
C PHE A 157 -5.01 -3.44 5.79
N PRO A 158 -4.47 -4.11 6.82
CA PRO A 158 -3.20 -4.85 6.63
C PRO A 158 -3.31 -6.01 5.65
N LEU A 159 -4.45 -6.67 5.56
CA LEU A 159 -4.60 -7.79 4.64
C LEU A 159 -4.88 -7.26 3.24
N GLN A 160 -4.47 -8.04 2.24
CA GLN A 160 -4.79 -7.72 0.85
C GLN A 160 -5.13 -9.01 0.12
N SER A 161 -6.06 -8.92 -0.83
CA SER A 161 -6.49 -10.08 -1.59
C SER A 161 -5.54 -10.35 -2.76
N TYR A 162 -5.63 -11.56 -3.30
CA TYR A 162 -4.82 -11.98 -4.43
C TYR A 162 -5.49 -11.71 -5.76
N GLY A 163 -6.77 -12.07 -5.89
CA GLY A 163 -7.48 -11.86 -7.14
C GLY A 163 -7.00 -12.81 -8.22
N PHE A 164 -7.33 -14.09 -8.06
CA PHE A 164 -6.90 -15.13 -8.99
C PHE A 164 -7.89 -15.24 -10.15
N GLN A 165 -7.37 -15.23 -11.36
CA GLN A 165 -8.17 -15.30 -12.57
C GLN A 165 -7.69 -16.46 -13.44
N PRO A 166 -8.60 -17.13 -14.17
CA PRO A 166 -8.18 -18.27 -14.99
C PRO A 166 -7.37 -17.88 -16.23
N THR A 167 -7.35 -16.61 -16.60
CA THR A 167 -6.65 -16.14 -17.79
C THR A 167 -5.27 -15.57 -17.47
N ASN A 168 -4.85 -15.59 -16.20
CA ASN A 168 -3.53 -15.10 -15.83
C ASN A 168 -2.44 -16.04 -16.30
N GLY A 169 -1.23 -15.50 -16.39
CA GLY A 169 -0.05 -16.30 -16.65
C GLY A 169 0.33 -17.16 -15.46
N VAL A 170 1.35 -18.01 -15.70
CA VAL A 170 1.80 -19.00 -14.72
C VAL A 170 2.27 -18.33 -13.43
N GLY A 171 2.95 -17.19 -13.55
CA GLY A 171 3.45 -16.45 -12.40
C GLY A 171 2.37 -15.91 -11.46
N TYR A 172 1.14 -15.79 -11.93
CA TYR A 172 0.04 -15.28 -11.13
C TYR A 172 -1.01 -16.35 -10.80
N GLN A 173 -0.74 -17.61 -11.13
CA GLN A 173 -1.67 -18.68 -10.79
C GLN A 173 -1.51 -19.10 -9.33
N PRO A 174 -2.57 -19.58 -8.68
CA PRO A 174 -2.44 -20.05 -7.30
C PRO A 174 -1.70 -21.36 -7.24
N TYR A 175 -0.87 -21.52 -6.20
CA TYR A 175 -0.15 -22.76 -5.95
C TYR A 175 -0.26 -23.11 -4.48
N ARG A 176 -0.70 -24.33 -4.17
CA ARG A 176 -0.79 -24.78 -2.79
C ARG A 176 0.58 -25.26 -2.34
N VAL A 177 1.02 -24.82 -1.16
CA VAL A 177 2.35 -25.15 -0.66
C VAL A 177 2.20 -25.81 0.71
N VAL A 178 2.65 -27.06 0.81
CA VAL A 178 2.71 -27.79 2.07
C VAL A 178 4.18 -27.91 2.46
N VAL A 179 4.51 -27.43 3.66
CA VAL A 179 5.88 -27.48 4.17
C VAL A 179 5.93 -28.50 5.29
N LEU A 180 6.77 -29.53 5.12
CA LEU A 180 6.93 -30.59 6.12
C LEU A 180 8.17 -30.29 6.94
N SER A 181 7.98 -29.76 8.15
CA SER A 181 9.08 -29.43 9.03
C SER A 181 9.42 -30.62 9.91
N PHE A 182 10.71 -30.98 9.96
CA PHE A 182 11.17 -32.14 10.71
C PHE A 182 11.84 -31.63 11.99
N GLU A 183 11.23 -31.93 13.14
CA GLU A 183 11.72 -31.47 14.43
C GLU A 183 12.18 -32.69 15.21
N LEU A 184 13.44 -32.70 15.64
CA LEU A 184 14.00 -33.77 16.45
C LEU A 184 14.38 -33.27 17.84
N LEU A 185 13.94 -33.98 18.88
CA LEU A 185 14.22 -33.62 20.26
C LEU A 185 14.40 -34.90 21.07
N HIS A 186 14.64 -34.76 22.37
CA HIS A 186 14.96 -35.88 23.25
C HIS A 186 13.69 -36.64 23.65
N ALA A 187 13.14 -37.36 22.68
CA ALA A 187 11.97 -38.20 22.88
C ALA A 187 12.09 -39.40 21.96
N PRO A 188 11.35 -40.49 22.22
CA PRO A 188 11.36 -41.63 21.29
C PRO A 188 10.88 -41.23 19.90
N ALA A 189 11.59 -41.73 18.88
CA ALA A 189 11.31 -41.39 17.49
C ALA A 189 10.16 -42.25 16.96
N THR A 190 8.94 -41.91 17.42
CA THR A 190 7.75 -42.67 17.06
C THR A 190 7.42 -42.58 15.57
N VAL A 191 7.93 -41.58 14.86
CA VAL A 191 7.77 -41.46 13.41
C VAL A 191 8.98 -42.07 12.75
N CYS A 192 8.77 -43.08 11.90
CA CYS A 192 9.83 -43.74 11.17
C CYS A 192 9.27 -44.20 9.84
N GLY A 193 10.13 -44.21 8.81
CA GLY A 193 9.73 -44.68 7.51
C GLY A 193 9.71 -46.19 7.45
N PRO A 194 9.03 -46.77 6.42
CA PRO A 194 8.84 -48.21 6.21
C PRO A 194 10.12 -49.05 6.24
N GLN B 1 17.85 12.73 -1.81
CA GLN B 1 17.14 13.38 -2.90
C GLN B 1 15.95 12.55 -3.34
N VAL B 2 14.87 12.63 -2.58
CA VAL B 2 13.63 11.93 -2.92
C VAL B 2 12.73 12.85 -3.74
N GLN B 3 12.48 12.44 -4.98
CA GLN B 3 11.72 13.23 -5.95
C GLN B 3 10.63 12.37 -6.57
N LEU B 4 9.73 13.01 -7.32
CA LEU B 4 8.74 12.30 -8.12
C LEU B 4 8.77 12.92 -9.52
N VAL B 5 9.26 12.17 -10.50
CA VAL B 5 9.47 12.70 -11.85
C VAL B 5 8.41 12.12 -12.77
N GLN B 6 7.56 12.98 -13.30
CA GLN B 6 6.49 12.58 -14.20
C GLN B 6 6.93 12.77 -15.65
N SER B 7 5.99 12.70 -16.59
CA SER B 7 6.28 12.90 -17.99
C SER B 7 5.97 14.34 -18.40
N GLY B 8 6.25 14.67 -19.66
CA GLY B 8 6.04 16.01 -20.17
C GLY B 8 4.60 16.27 -20.55
N PRO B 9 4.35 17.48 -21.04
CA PRO B 9 3.00 17.88 -21.43
C PRO B 9 2.53 17.23 -22.74
N GLU B 10 1.20 17.16 -22.90
CA GLU B 10 0.60 16.61 -24.10
C GLU B 10 -0.50 17.55 -24.56
N VAL B 11 -0.77 17.55 -25.87
CA VAL B 11 -1.90 18.28 -26.44
C VAL B 11 -2.64 17.28 -27.31
N LYS B 12 -3.90 17.01 -26.99
CA LYS B 12 -4.68 15.97 -27.64
C LYS B 12 -6.03 16.53 -28.07
N LYS B 13 -6.58 15.97 -29.15
CA LYS B 13 -7.88 16.38 -29.67
C LYS B 13 -9.03 15.90 -28.76
N PRO B 14 -10.20 16.54 -28.86
CA PRO B 14 -11.37 16.08 -28.09
C PRO B 14 -11.84 14.67 -28.43
N GLY B 15 -12.25 13.94 -27.40
CA GLY B 15 -12.77 12.59 -27.47
C GLY B 15 -11.77 11.47 -27.35
N THR B 16 -10.47 11.76 -27.37
CA THR B 16 -9.44 10.76 -27.17
C THR B 16 -9.20 10.58 -25.67
N SER B 17 -8.41 9.57 -25.31
CA SER B 17 -8.10 9.31 -23.92
C SER B 17 -6.61 9.55 -23.68
N VAL B 18 -6.30 10.27 -22.60
CA VAL B 18 -4.95 10.68 -22.25
C VAL B 18 -4.41 9.78 -21.13
N LYS B 19 -3.14 9.43 -21.20
CA LYS B 19 -2.47 8.63 -20.18
C LYS B 19 -1.41 9.50 -19.51
N VAL B 20 -1.52 9.69 -18.20
CA VAL B 20 -0.56 10.46 -17.42
C VAL B 20 0.06 9.53 -16.38
N SER B 21 1.36 9.69 -16.13
CA SER B 21 2.08 8.84 -15.19
C SER B 21 3.10 9.65 -14.40
N CYS B 22 3.45 9.13 -13.22
CA CYS B 22 4.46 9.70 -12.34
C CYS B 22 5.38 8.57 -11.86
N LYS B 23 6.68 8.73 -12.10
CA LYS B 23 7.67 7.73 -11.70
C LYS B 23 8.40 8.18 -10.45
N ALA B 24 8.37 7.34 -9.41
CA ALA B 24 9.01 7.63 -8.14
C ALA B 24 10.44 7.11 -8.10
N SER B 25 11.31 7.85 -7.42
CA SER B 25 12.67 7.39 -7.18
C SER B 25 13.20 7.94 -5.86
N GLY B 26 14.06 7.15 -5.21
CA GLY B 26 14.75 7.55 -4.00
C GLY B 26 14.11 7.10 -2.70
N PHE B 27 12.85 6.66 -2.71
CA PHE B 27 12.18 6.28 -1.48
C PHE B 27 11.40 5.00 -1.72
N THR B 28 10.84 4.45 -0.64
CA THR B 28 10.10 3.19 -0.74
C THR B 28 8.69 3.52 -1.20
N PHE B 29 8.43 3.29 -2.49
CA PHE B 29 7.16 3.66 -3.10
C PHE B 29 5.99 2.86 -2.53
N SER B 30 6.19 1.56 -2.28
CA SER B 30 5.11 0.64 -1.91
C SER B 30 4.41 1.05 -0.62
N SER B 31 5.17 1.53 0.37
CA SER B 31 4.57 1.98 1.62
C SER B 31 3.68 3.21 1.40
N SER B 32 4.07 4.11 0.50
CA SER B 32 3.40 5.39 0.29
C SER B 32 2.14 5.23 -0.55
N ALA B 33 1.41 6.35 -0.68
CA ALA B 33 0.21 6.46 -1.50
C ALA B 33 0.28 7.72 -2.34
N VAL B 34 -0.38 7.73 -3.49
CA VAL B 34 -0.30 8.85 -4.43
C VAL B 34 -1.69 9.48 -4.56
N GLN B 35 -1.74 10.81 -4.47
CA GLN B 35 -2.95 11.59 -4.67
C GLN B 35 -2.83 12.38 -5.97
N TRP B 36 -3.92 12.42 -6.75
CA TRP B 36 -3.93 13.12 -8.01
C TRP B 36 -4.83 14.34 -7.93
N VAL B 37 -4.29 15.52 -8.26
CA VAL B 37 -5.05 16.77 -8.25
C VAL B 37 -4.79 17.51 -9.56
N ARG B 38 -5.77 18.33 -9.96
CA ARG B 38 -5.65 19.14 -11.17
C ARG B 38 -5.98 20.60 -10.84
N GLN B 39 -5.31 21.51 -11.54
CA GLN B 39 -5.52 22.94 -11.35
C GLN B 39 -5.53 23.66 -12.70
N ALA B 40 -6.71 24.10 -13.13
CA ALA B 40 -6.81 24.93 -14.33
C ALA B 40 -6.13 26.29 -14.09
N ARG B 41 -5.75 26.94 -15.19
CA ARG B 41 -5.03 28.20 -15.10
C ARG B 41 -5.93 29.32 -14.58
N GLY B 42 -5.52 29.93 -13.46
CA GLY B 42 -6.24 30.98 -12.77
C GLY B 42 -7.31 30.52 -11.79
N GLN B 43 -7.52 29.22 -11.62
CA GLN B 43 -8.54 28.68 -10.71
C GLN B 43 -7.87 27.89 -9.59
N ARG B 44 -8.70 27.36 -8.70
CA ARG B 44 -8.26 26.58 -7.55
C ARG B 44 -7.94 25.15 -7.97
N LEU B 45 -7.39 24.39 -7.02
CA LEU B 45 -7.05 23.00 -7.25
C LEU B 45 -8.26 22.11 -7.02
N GLU B 46 -8.43 21.12 -7.89
CA GLU B 46 -9.50 20.14 -7.77
C GLU B 46 -8.89 18.75 -7.60
N TRP B 47 -9.44 17.99 -6.66
CA TRP B 47 -8.93 16.67 -6.29
C TRP B 47 -9.56 15.58 -7.15
N ILE B 48 -8.76 14.94 -7.99
CA ILE B 48 -9.27 13.87 -8.84
C ILE B 48 -9.51 12.59 -8.03
N GLY B 49 -8.51 12.16 -7.27
CA GLY B 49 -8.61 10.90 -6.55
C GLY B 49 -7.23 10.38 -6.18
N TRP B 50 -7.20 9.56 -5.13
CA TRP B 50 -5.95 9.04 -4.62
C TRP B 50 -5.95 7.51 -4.65
N ILE B 51 -4.75 6.93 -4.77
CA ILE B 51 -4.57 5.47 -4.72
C ILE B 51 -3.44 5.10 -3.77
N VAL B 52 -3.62 4.01 -3.04
CA VAL B 52 -2.54 3.39 -2.27
C VAL B 52 -1.91 2.39 -3.23
N VAL B 53 -0.63 2.60 -3.59
CA VAL B 53 0.00 1.77 -4.62
C VAL B 53 0.15 0.32 -4.16
N GLY B 54 0.54 0.11 -2.89
CA GLY B 54 0.76 -1.25 -2.41
C GLY B 54 -0.50 -2.08 -2.37
N SER B 55 -1.58 -1.53 -1.81
CA SER B 55 -2.86 -2.23 -1.77
C SER B 55 -3.49 -2.27 -3.16
N GLY B 56 -3.35 -1.19 -3.92
CA GLY B 56 -4.00 -1.04 -5.20
C GLY B 56 -5.42 -0.50 -5.12
N ASN B 57 -5.86 -0.07 -3.94
CA ASN B 57 -7.21 0.42 -3.77
C ASN B 57 -7.27 1.87 -4.24
N ALA B 58 -8.19 2.16 -5.16
CA ALA B 58 -8.25 3.47 -5.78
C ALA B 58 -9.58 4.12 -5.43
N ASN B 59 -9.49 5.33 -4.86
CA ASN B 59 -10.65 6.15 -4.55
C ASN B 59 -10.72 7.30 -5.54
N TYR B 60 -11.94 7.65 -5.94
CA TYR B 60 -12.17 8.68 -6.95
C TYR B 60 -13.22 9.67 -6.45
N ALA B 61 -13.03 10.95 -6.78
CA ALA B 61 -14.01 11.97 -6.46
C ALA B 61 -15.30 11.71 -7.23
N PRO B 62 -16.47 12.06 -6.66
CA PRO B 62 -17.75 11.71 -7.31
C PRO B 62 -17.96 12.28 -8.71
N ARG B 63 -17.51 13.51 -8.96
CA ARG B 63 -17.72 14.16 -10.25
C ARG B 63 -17.04 13.40 -11.38
N PHE B 64 -15.81 12.95 -11.15
CA PHE B 64 -14.99 12.30 -12.18
C PHE B 64 -14.85 10.79 -11.98
N GLN B 65 -15.65 10.18 -11.11
CA GLN B 65 -15.49 8.77 -10.75
C GLN B 65 -15.63 7.85 -11.95
N GLU B 66 -16.61 8.11 -12.81
CA GLU B 66 -16.87 7.26 -13.97
C GLU B 66 -15.73 7.32 -14.99
N ARG B 67 -15.13 8.49 -15.19
CA ARG B 67 -14.19 8.71 -16.27
C ARG B 67 -12.71 8.51 -15.92
N VAL B 68 -12.36 8.24 -14.67
CA VAL B 68 -10.95 8.11 -14.28
C VAL B 68 -10.68 6.67 -13.84
N THR B 69 -9.57 6.12 -14.33
CA THR B 69 -9.09 4.80 -13.94
C THR B 69 -7.65 4.99 -13.46
N ILE B 70 -7.46 4.94 -12.15
CA ILE B 70 -6.16 5.19 -11.54
C ILE B 70 -5.50 3.85 -11.24
N THR B 71 -4.48 3.48 -12.01
CA THR B 71 -3.76 2.24 -11.82
C THR B 71 -2.33 2.55 -11.36
N ARG B 72 -1.62 1.51 -10.92
CA ARG B 72 -0.22 1.64 -10.55
C ARG B 72 0.56 0.45 -11.07
N ASP B 73 1.83 0.68 -11.39
CA ASP B 73 2.76 -0.38 -11.75
C ASP B 73 3.89 -0.38 -10.73
N MET B 74 3.89 -1.37 -9.84
CA MET B 74 4.85 -1.42 -8.74
C MET B 74 6.27 -1.67 -9.23
N SER B 75 6.42 -2.54 -10.25
CA SER B 75 7.74 -2.91 -10.78
C SER B 75 8.55 -1.70 -11.25
N THR B 76 7.89 -0.72 -11.86
CA THR B 76 8.57 0.47 -12.37
C THR B 76 8.40 1.68 -11.45
N ASN B 77 7.83 1.48 -10.27
CA ASN B 77 7.43 2.52 -9.31
C ASN B 77 6.71 3.68 -9.99
N THR B 78 5.59 3.35 -10.64
CA THR B 78 4.84 4.33 -11.43
C THR B 78 3.36 4.25 -11.12
N ALA B 79 2.73 5.42 -10.92
CA ALA B 79 1.30 5.55 -10.74
C ALA B 79 0.70 6.15 -12.01
N TYR B 80 -0.37 5.54 -12.50
CA TYR B 80 -0.98 5.96 -13.76
C TYR B 80 -2.39 6.50 -13.54
N MET B 81 -2.75 7.50 -14.34
CA MET B 81 -4.08 8.09 -14.33
C MET B 81 -4.53 8.30 -15.76
N GLU B 82 -5.76 7.87 -16.07
CA GLU B 82 -6.29 7.97 -17.43
C GLU B 82 -7.63 8.68 -17.44
N LEU B 83 -7.78 9.66 -18.33
CA LEU B 83 -8.99 10.43 -18.49
C LEU B 83 -9.60 10.12 -19.85
N SER B 84 -10.90 9.85 -19.87
CA SER B 84 -11.59 9.49 -21.11
C SER B 84 -12.65 10.53 -21.41
N SER B 85 -13.03 10.59 -22.70
CA SER B 85 -14.04 11.53 -23.22
C SER B 85 -13.69 12.98 -22.91
N LEU B 86 -12.40 13.34 -23.12
CA LEU B 86 -11.87 14.68 -22.88
C LEU B 86 -12.71 15.77 -23.52
N ARG B 87 -13.22 16.67 -22.67
CA ARG B 87 -14.04 17.81 -23.07
C ARG B 87 -13.19 19.07 -22.96
N SER B 88 -13.63 20.14 -23.65
CA SER B 88 -12.86 21.38 -23.73
C SER B 88 -12.55 22.02 -22.38
N GLU B 89 -13.49 21.96 -21.41
CA GLU B 89 -13.21 22.54 -20.10
C GLU B 89 -12.22 21.74 -19.26
N ASP B 90 -11.85 20.52 -19.68
CA ASP B 90 -10.94 19.69 -18.89
C ASP B 90 -9.48 20.13 -18.95
N THR B 91 -9.15 21.15 -19.75
CA THR B 91 -7.77 21.62 -19.87
C THR B 91 -7.30 22.24 -18.56
N ALA B 92 -6.22 21.68 -18.01
CA ALA B 92 -5.73 22.01 -16.67
C ALA B 92 -4.32 21.47 -16.52
N VAL B 93 -3.64 21.94 -15.48
CA VAL B 93 -2.35 21.38 -15.09
C VAL B 93 -2.59 20.31 -14.04
N TYR B 94 -2.13 19.10 -14.32
CA TYR B 94 -2.33 17.94 -13.46
C TYR B 94 -1.11 17.70 -12.58
N TYR B 95 -1.35 17.41 -11.30
CA TYR B 95 -0.30 17.17 -10.32
C TYR B 95 -0.49 15.81 -9.64
N CYS B 96 0.61 15.29 -9.12
CA CYS B 96 0.64 14.05 -8.35
C CYS B 96 1.55 14.28 -7.16
N ALA B 97 1.14 13.80 -5.99
CA ALA B 97 1.90 14.05 -4.77
C ALA B 97 1.83 12.87 -3.80
N ALA B 98 2.99 12.49 -3.26
CA ALA B 98 3.05 11.34 -2.36
C ALA B 98 3.84 11.70 -1.10
N PRO B 99 3.41 11.21 0.07
CA PRO B 99 4.18 11.40 1.29
C PRO B 99 5.51 10.67 1.25
N ASN B 100 6.54 11.30 1.80
CA ASN B 100 7.84 10.65 1.93
C ASN B 100 7.71 9.52 2.94
N CYS B 101 7.83 8.27 2.46
CA CYS B 101 7.57 7.11 3.29
C CYS B 101 8.77 6.20 3.36
N SER B 102 9.30 5.99 4.56
CA SER B 102 10.31 4.99 4.80
C SER B 102 9.60 3.66 5.03
N ARG B 103 10.39 2.58 5.05
CA ARG B 103 9.80 1.24 5.17
C ARG B 103 9.05 1.07 6.48
N THR B 104 9.69 1.47 7.59
CA THR B 104 9.06 1.32 8.90
C THR B 104 7.93 2.33 9.12
N LEU B 105 8.13 3.60 8.75
CA LEU B 105 7.19 4.65 9.10
C LEU B 105 6.98 5.60 7.92
N CYS B 106 5.86 6.32 7.96
CA CYS B 106 5.49 7.30 6.94
C CYS B 106 5.34 8.69 7.53
N TYR B 107 5.51 9.69 6.66
CA TYR B 107 5.38 11.08 7.05
C TYR B 107 3.89 11.44 7.03
N ASP B 108 3.45 12.17 8.06
CA ASP B 108 2.03 12.49 8.21
C ASP B 108 1.46 13.38 7.11
N GLY B 109 2.31 14.10 6.38
CA GLY B 109 1.83 15.00 5.35
C GLY B 109 2.28 14.66 3.94
N PHE B 110 1.61 15.23 2.93
CA PHE B 110 2.01 15.07 1.54
C PHE B 110 3.20 15.97 1.26
N ASN B 111 4.40 15.44 1.46
CA ASN B 111 5.59 16.28 1.39
C ASN B 111 6.06 16.49 -0.05
N MET B 112 6.19 15.40 -0.82
CA MET B 112 6.73 15.49 -2.17
C MET B 112 5.64 15.77 -3.20
N TRP B 113 5.88 16.78 -4.04
CA TRP B 113 4.96 17.19 -5.09
C TRP B 113 5.64 17.03 -6.45
N GLY B 114 4.82 17.00 -7.50
CA GLY B 114 5.35 16.85 -8.85
C GLY B 114 5.56 18.20 -9.53
N GLN B 115 6.19 18.16 -10.70
CA GLN B 115 6.51 19.40 -11.42
C GLN B 115 5.28 20.06 -12.04
N GLY B 116 4.25 19.29 -12.36
CA GLY B 116 3.06 19.80 -13.02
C GLY B 116 3.14 19.57 -14.52
N THR B 117 2.07 19.06 -15.11
CA THR B 117 2.02 18.82 -16.56
C THR B 117 0.77 19.47 -17.15
N MET B 118 0.96 20.25 -18.21
CA MET B 118 -0.16 20.88 -18.89
C MET B 118 -0.79 19.90 -19.89
N VAL B 119 -2.11 19.76 -19.81
CA VAL B 119 -2.89 18.98 -20.76
C VAL B 119 -3.88 19.90 -21.47
N THR B 120 -3.78 19.99 -22.80
CA THR B 120 -4.64 20.86 -23.59
C THR B 120 -5.63 20.01 -24.36
N VAL B 121 -6.90 20.36 -24.30
CA VAL B 121 -7.94 19.68 -25.05
C VAL B 121 -8.49 20.60 -26.14
N GLU C 1 -19.44 15.56 0.33
CA GLU C 1 -18.67 16.73 -0.10
C GLU C 1 -18.59 17.75 1.03
N ILE C 2 -17.41 17.88 1.62
CA ILE C 2 -17.17 18.87 2.67
C ILE C 2 -16.68 20.14 1.99
N VAL C 3 -17.59 21.11 1.84
CA VAL C 3 -17.23 22.41 1.27
C VAL C 3 -16.28 23.13 2.21
N LEU C 4 -15.20 23.68 1.65
CA LEU C 4 -14.25 24.49 2.41
C LEU C 4 -14.48 25.97 2.12
N THR C 5 -15.14 26.66 3.04
CA THR C 5 -15.31 28.10 2.89
C THR C 5 -13.94 28.76 3.11
N GLN C 6 -13.66 29.82 2.35
CA GLN C 6 -12.42 30.57 2.51
C GLN C 6 -12.74 32.04 2.72
N SER C 7 -12.15 32.63 3.76
CA SER C 7 -12.28 34.06 4.01
C SER C 7 -10.94 34.61 4.48
N PRO C 8 -10.55 35.81 4.01
CA PRO C 8 -11.17 36.57 2.92
C PRO C 8 -10.74 36.04 1.54
N GLY C 9 -11.47 36.44 0.48
CA GLY C 9 -11.06 36.05 -0.86
C GLY C 9 -9.71 36.62 -1.26
N SER C 10 -9.46 37.89 -0.90
CA SER C 10 -8.21 38.55 -1.18
C SER C 10 -7.72 39.22 0.09
N LEU C 11 -6.40 39.36 0.21
CA LEU C 11 -5.81 40.03 1.36
C LEU C 11 -4.66 40.91 0.90
N SER C 12 -4.78 42.21 1.12
CA SER C 12 -3.75 43.19 0.78
C SER C 12 -3.14 43.67 2.10
N LEU C 13 -1.86 43.35 2.31
CA LEU C 13 -1.23 43.72 3.57
C LEU C 13 0.27 43.93 3.39
N SER C 14 0.79 44.95 4.05
CA SER C 14 2.20 45.28 3.97
C SER C 14 3.04 44.21 4.68
N PRO C 15 4.29 44.01 4.26
CA PRO C 15 5.18 43.10 4.98
C PRO C 15 5.55 43.57 6.38
N GLY C 16 5.78 42.59 7.26
CA GLY C 16 6.21 42.79 8.63
C GLY C 16 5.15 42.73 9.71
N GLU C 17 3.86 42.82 9.38
CA GLU C 17 2.83 42.75 10.41
C GLU C 17 2.26 41.34 10.45
N ARG C 18 1.29 41.11 11.32
CA ARG C 18 0.73 39.77 11.47
C ARG C 18 -0.36 39.53 10.42
N ALA C 19 -0.58 38.25 10.11
CA ALA C 19 -1.61 37.82 9.19
C ALA C 19 -2.40 36.67 9.78
N THR C 20 -3.70 36.65 9.54
CA THR C 20 -4.59 35.60 10.02
C THR C 20 -5.43 35.07 8.87
N LEU C 21 -5.20 33.81 8.48
CA LEU C 21 -5.93 33.17 7.41
C LEU C 21 -6.92 32.19 8.02
N SER C 22 -8.07 32.03 7.36
CA SER C 22 -9.16 31.20 7.87
C SER C 22 -9.57 30.11 6.89
N CYS C 23 -9.61 28.87 7.38
CA CYS C 23 -10.10 27.71 6.64
C CYS C 23 -11.34 27.26 7.40
N ARG C 24 -12.51 27.37 6.77
CA ARG C 24 -13.76 26.99 7.40
C ARG C 24 -14.32 25.72 6.77
N ALA C 25 -14.75 24.79 7.62
CA ALA C 25 -15.26 23.49 7.21
C ALA C 25 -16.77 23.45 7.40
N SER C 26 -17.46 22.74 6.49
CA SER C 26 -18.90 22.58 6.61
C SER C 26 -19.28 21.84 7.88
N GLN C 27 -18.55 20.78 8.22
CA GLN C 27 -18.77 20.01 9.43
C GLN C 27 -17.39 19.72 10.01
N SER C 28 -17.36 19.24 11.26
CA SER C 28 -16.11 19.00 11.99
C SER C 28 -15.16 18.08 11.23
N VAL C 29 -13.87 18.38 11.33
CA VAL C 29 -12.80 17.63 10.68
C VAL C 29 -11.77 17.28 11.74
N ARG C 30 -11.23 16.06 11.68
CA ARG C 30 -10.16 15.64 12.58
C ARG C 30 -8.93 16.52 12.37
N SER C 31 -8.34 16.97 13.48
CA SER C 31 -7.23 17.91 13.45
C SER C 31 -6.00 17.34 12.74
N SER C 32 -5.69 16.06 13.00
CA SER C 32 -4.51 15.43 12.43
C SER C 32 -4.57 15.35 10.91
N TYR C 33 -5.75 15.07 10.36
CA TYR C 33 -5.91 14.87 8.91
C TYR C 33 -6.15 16.19 8.17
N LEU C 34 -5.22 17.13 8.32
CA LEU C 34 -5.30 18.37 7.56
C LEU C 34 -3.90 18.92 7.31
N GLY C 35 -3.75 19.63 6.18
CA GLY C 35 -2.49 20.20 5.78
C GLY C 35 -2.70 21.49 5.00
N TRP C 36 -1.67 22.32 4.99
CA TRP C 36 -1.66 23.59 4.28
C TRP C 36 -0.59 23.62 3.21
N TYR C 37 -0.94 24.18 2.04
CA TYR C 37 -0.05 24.20 0.89
C TYR C 37 0.10 25.63 0.39
N GLN C 38 1.32 26.00 0.04
CA GLN C 38 1.63 27.30 -0.56
C GLN C 38 1.89 27.11 -2.05
N GLN C 39 1.05 27.69 -2.89
CA GLN C 39 1.26 27.65 -4.33
C GLN C 39 1.78 29.00 -4.78
N LYS C 40 3.06 29.07 -5.12
CA LYS C 40 3.60 30.23 -5.80
C LYS C 40 3.06 30.24 -7.24
N PRO C 41 2.88 31.41 -7.84
CA PRO C 41 2.35 31.48 -9.21
C PRO C 41 3.28 30.78 -10.20
N GLY C 42 2.68 29.93 -11.03
CA GLY C 42 3.42 29.14 -12.00
C GLY C 42 4.32 28.11 -11.36
N GLN C 43 3.86 27.49 -10.26
CA GLN C 43 4.67 26.50 -9.55
C GLN C 43 3.76 25.52 -8.83
N ALA C 44 4.35 24.38 -8.47
CA ALA C 44 3.70 23.37 -7.67
C ALA C 44 3.50 23.83 -6.22
N PRO C 45 2.41 23.37 -5.57
CA PRO C 45 2.23 23.69 -4.15
C PRO C 45 3.26 22.96 -3.28
N ARG C 46 3.46 23.50 -2.08
CA ARG C 46 4.45 22.97 -1.15
C ARG C 46 3.88 22.96 0.26
N LEU C 47 3.92 21.80 0.91
CA LEU C 47 3.36 21.63 2.25
C LEU C 47 4.14 22.44 3.28
N LEU C 48 3.42 23.15 4.16
CA LEU C 48 4.04 23.84 5.29
C LEU C 48 3.78 23.20 6.64
N ILE C 49 2.53 22.84 6.93
CA ILE C 49 2.15 22.31 8.23
C ILE C 49 1.22 21.12 8.02
N TYR C 50 1.20 20.23 9.01
CA TYR C 50 0.33 19.07 8.99
C TYR C 50 -0.21 18.88 10.40
N GLY C 51 -1.38 18.26 10.51
CA GLY C 51 -2.01 18.06 11.80
C GLY C 51 -2.38 19.34 12.53
N ALA C 52 -2.58 20.42 11.76
CA ALA C 52 -2.98 21.78 12.16
C ALA C 52 -1.86 22.52 12.88
N SER C 53 -1.30 21.93 13.95
CA SER C 53 -0.30 22.62 14.76
C SER C 53 1.14 22.12 14.60
N SER C 54 1.39 21.17 13.69
CA SER C 54 2.74 20.59 13.58
C SER C 54 3.42 21.07 12.30
N ARG C 55 4.46 21.88 12.46
CA ARG C 55 5.18 22.44 11.32
C ARG C 55 5.97 21.35 10.59
N ALA C 56 5.91 21.37 9.26
CA ALA C 56 6.67 20.39 8.49
C ALA C 56 8.13 20.79 8.40
N THR C 57 8.97 19.83 8.01
CA THR C 57 10.40 20.03 7.91
C THR C 57 10.74 21.05 6.81
N GLY C 58 11.78 21.86 7.04
CA GLY C 58 12.26 22.85 6.11
C GLY C 58 11.53 24.19 6.14
N ILE C 59 10.52 24.34 6.98
CA ILE C 59 9.76 25.58 7.11
C ILE C 59 10.26 26.32 8.35
N PRO C 60 10.55 27.62 8.25
CA PRO C 60 11.02 28.35 9.43
C PRO C 60 9.92 28.53 10.48
N ASP C 61 10.36 28.94 11.67
CA ASP C 61 9.51 29.03 12.85
C ASP C 61 8.40 30.08 12.75
N ARG C 62 8.50 31.03 11.81
CA ARG C 62 7.54 32.13 11.72
C ARG C 62 6.11 31.62 11.43
N PHE C 63 5.97 30.65 10.55
CA PHE C 63 4.67 30.07 10.25
C PHE C 63 4.16 29.25 11.42
N SER C 64 2.86 29.36 11.71
CA SER C 64 2.28 28.64 12.83
C SER C 64 0.81 28.34 12.52
N GLY C 65 0.27 27.37 13.26
CA GLY C 65 -1.08 26.91 13.02
C GLY C 65 -1.87 26.76 14.30
N SER C 66 -3.17 27.05 14.20
CA SER C 66 -4.11 26.88 15.30
C SER C 66 -5.09 25.77 14.95
N GLY C 67 -5.34 24.87 15.89
CA GLY C 67 -6.17 23.70 15.66
C GLY C 67 -7.46 23.75 16.47
N SER C 68 -8.55 23.31 15.84
CA SER C 68 -9.86 23.17 16.45
C SER C 68 -10.67 22.24 15.56
N GLU C 69 -11.82 21.79 16.08
CA GLU C 69 -12.65 20.83 15.37
C GLU C 69 -13.17 21.37 14.04
N THR C 70 -13.67 22.61 14.01
CA THR C 70 -14.28 23.17 12.82
C THR C 70 -13.57 24.45 12.36
N ASP C 71 -12.65 24.98 13.16
CA ASP C 71 -11.92 26.20 12.83
C ASP C 71 -10.44 25.87 12.68
N PHE C 72 -9.83 26.37 11.61
CA PHE C 72 -8.40 26.22 11.41
C PHE C 72 -7.82 27.56 10.99
N THR C 73 -6.68 27.92 11.58
CA THR C 73 -6.05 29.21 11.36
C THR C 73 -4.56 29.06 11.12
N LEU C 74 -4.04 29.75 10.11
CA LEU C 74 -2.61 29.83 9.84
C LEU C 74 -2.17 31.26 10.11
N THR C 75 -1.07 31.42 10.84
CA THR C 75 -0.57 32.73 11.26
C THR C 75 0.89 32.86 10.86
N ILE C 76 1.24 33.98 10.22
CA ILE C 76 2.62 34.27 9.86
C ILE C 76 3.11 35.41 10.75
N SER C 77 4.17 35.15 11.52
CA SER C 77 4.69 36.15 12.46
C SER C 77 5.27 37.35 11.72
N ARG C 78 6.08 37.10 10.69
CA ARG C 78 6.81 38.16 9.98
C ARG C 78 6.76 37.87 8.48
N LEU C 79 6.02 38.69 7.74
CA LEU C 79 5.91 38.51 6.30
C LEU C 79 7.23 38.80 5.59
N GLU C 80 7.65 37.86 4.75
CA GLU C 80 8.84 38.02 3.93
C GLU C 80 8.44 38.21 2.46
N PRO C 81 9.33 38.79 1.62
CA PRO C 81 8.99 38.97 0.20
C PRO C 81 8.65 37.71 -0.59
N GLU C 82 9.23 36.56 -0.26
CA GLU C 82 8.93 35.33 -0.98
C GLU C 82 7.74 34.56 -0.42
N ASP C 83 7.09 35.08 0.62
CA ASP C 83 5.97 34.41 1.26
C ASP C 83 4.62 34.89 0.74
N PHE C 84 4.59 35.64 -0.36
CA PHE C 84 3.34 36.12 -0.95
C PHE C 84 2.91 35.14 -2.03
N ALA C 85 1.90 34.33 -1.74
CA ALA C 85 1.45 33.26 -2.63
C ALA C 85 0.03 32.89 -2.22
N VAL C 86 -0.57 31.97 -2.99
CA VAL C 86 -1.92 31.48 -2.71
C VAL C 86 -1.82 30.28 -1.77
N TYR C 87 -2.54 30.35 -0.65
CA TYR C 87 -2.54 29.29 0.35
C TYR C 87 -3.82 28.47 0.28
N TYR C 88 -3.67 27.14 0.37
CA TYR C 88 -4.78 26.21 0.26
C TYR C 88 -4.76 25.25 1.44
N CYS C 89 -5.95 24.95 1.99
CA CYS C 89 -6.08 23.92 2.99
C CYS C 89 -6.73 22.69 2.38
N GLN C 90 -6.43 21.51 2.95
CA GLN C 90 -7.02 20.26 2.51
C GLN C 90 -7.35 19.38 3.71
N GLN C 91 -8.48 18.69 3.66
CA GLN C 91 -8.90 17.76 4.70
C GLN C 91 -8.71 16.32 4.23
N TYR C 92 -7.93 15.54 4.98
CA TYR C 92 -7.76 14.13 4.64
C TYR C 92 -8.73 13.24 5.41
N ASP C 93 -9.59 13.83 6.24
CA ASP C 93 -10.53 13.09 7.09
C ASP C 93 -11.49 12.22 6.27
N SER C 94 -12.28 12.85 5.40
CA SER C 94 -13.32 12.15 4.66
C SER C 94 -13.21 12.43 3.18
N SER C 95 -13.39 11.38 2.38
CA SER C 95 -13.41 11.53 0.93
C SER C 95 -14.70 12.22 0.47
N PRO C 96 -14.64 13.08 -0.55
CA PRO C 96 -13.47 13.59 -1.30
C PRO C 96 -12.64 14.59 -0.50
N TRP C 97 -11.34 14.66 -0.77
CA TRP C 97 -10.45 15.58 -0.07
C TRP C 97 -10.51 16.92 -0.81
N THR C 98 -11.40 17.79 -0.36
CA THR C 98 -11.65 19.03 -1.08
C THR C 98 -10.56 20.06 -0.79
N PHE C 99 -10.48 21.07 -1.66
CA PHE C 99 -9.55 22.17 -1.52
C PHE C 99 -10.32 23.47 -1.38
N GLY C 100 -9.71 24.42 -0.66
CA GLY C 100 -10.34 25.70 -0.46
C GLY C 100 -10.17 26.61 -1.66
N GLN C 101 -10.95 27.70 -1.66
CA GLN C 101 -10.95 28.64 -2.77
C GLN C 101 -9.58 29.28 -2.98
N GLY C 102 -8.84 29.50 -1.89
CA GLY C 102 -7.51 30.07 -1.97
C GLY C 102 -7.51 31.55 -1.65
N THR C 103 -6.65 31.97 -0.72
CA THR C 103 -6.53 33.36 -0.35
C THR C 103 -5.21 33.91 -0.89
N LYS C 104 -5.29 34.97 -1.68
CA LYS C 104 -4.11 35.60 -2.26
C LYS C 104 -3.65 36.74 -1.35
N VAL C 105 -2.37 36.70 -0.98
CA VAL C 105 -1.76 37.74 -0.16
C VAL C 105 -0.85 38.59 -1.04
N GLU C 106 -1.07 39.90 -1.03
CA GLU C 106 -0.28 40.83 -1.81
C GLU C 106 -0.05 42.09 -0.97
N ILE C 107 0.44 43.15 -1.60
CA ILE C 107 0.71 44.39 -0.91
C ILE C 107 -0.19 45.50 -1.44
C1 NAG D . -3.78 -37.96 -4.93
C2 NAG D . -3.47 -39.09 -3.94
C3 NAG D . -2.55 -40.15 -4.57
C4 NAG D . -3.12 -40.62 -5.91
C5 NAG D . -3.41 -39.43 -6.81
C6 NAG D . -4.07 -39.82 -8.12
C7 NAG D . -1.80 -37.93 -2.46
C8 NAG D . -1.50 -37.57 -1.04
N2 NAG D . -2.94 -38.61 -2.67
O3 NAG D . -2.41 -41.24 -3.68
O4 NAG D . -2.20 -41.49 -6.55
O5 NAG D . -4.30 -38.51 -6.16
O6 NAG D . -3.22 -40.64 -8.90
O7 NAG D . -1.02 -37.63 -3.37
#